data_6KK6
#
_entry.id   6KK6
#
_cell.length_a   48.570
_cell.length_b   60.651
_cell.length_c   83.350
_cell.angle_alpha   90.000
_cell.angle_beta   90.000
_cell.angle_gamma   90.000
#
_symmetry.space_group_name_H-M   'P 21 21 21'
#
loop_
_entity.id
_entity.type
_entity.pdbx_description
1 polymer 'Serine protease subunit NS2B'
2 polymer 'NS3 protease'
3 non-polymer 'SULFATE ION'
4 non-polymer GLYCEROL
5 non-polymer 1-[(5~{R},8~{R},15~{S},18~{S})-15,18-bis(4-azanylbutyl)-5-methyl-4,7,14,17,20-pentakis(oxidanylidene)-3,6,13,16,19-pentazabicyclo[20.3.1]hexacosa-1(25),22(26),23-trien-8-yl]guanidine
6 water water
#
loop_
_entity_poly.entity_id
_entity_poly.type
_entity_poly.pdbx_seq_one_letter_code
_entity_poly.pdbx_strand_id
1 'polypeptide(L)' MTGKSVDMYIERAGDITWEKDAEVTGNSPRLDVALDESGDFSLVEEDGPPMRE A
2 'polypeptide(L)'
;GSGALWDVPAPKEVKKGETTDGVYRVMTRRLLGSTQVGVGVMQEGVFHTMWHVTKGAALRSGEGRLDPYWGDVKQDLVSY
CGPWKLDAAWDGLSEVQLLAVPPGERAKNIQTLPGIFKTKDGDIGAVALDYPAGTSGSPILDKCGRVIGLYGNGVVIKNG
SYVSAITQGKREEETPVE
;
B
#
# COMPACT_ATOMS: atom_id res chain seq x y z
N ASP A 7 -6.57 -2.48 -20.22
CA ASP A 7 -6.32 -3.88 -19.92
C ASP A 7 -6.09 -4.09 -18.41
N MET A 8 -6.01 -3.00 -17.67
CA MET A 8 -5.88 -3.01 -16.21
C MET A 8 -7.25 -2.68 -15.62
N TYR A 9 -7.68 -3.46 -14.62
CA TYR A 9 -9.01 -3.24 -14.05
C TYR A 9 -8.97 -3.55 -12.57
N ILE A 10 -10.00 -3.09 -11.86
CA ILE A 10 -10.08 -3.30 -10.42
C ILE A 10 -11.26 -4.20 -10.09
N GLU A 11 -11.13 -4.96 -9.00
CA GLU A 11 -12.24 -5.78 -8.53
C GLU A 11 -12.25 -5.74 -7.00
N ARG A 12 -13.45 -5.66 -6.43
CA ARG A 12 -13.52 -5.46 -4.99
C ARG A 12 -12.95 -6.68 -4.28
N ALA A 13 -12.30 -6.42 -3.14
CA ALA A 13 -11.65 -7.46 -2.35
C ALA A 13 -12.07 -7.45 -0.89
N GLY A 14 -12.85 -6.49 -0.45
CA GLY A 14 -13.39 -6.55 0.89
C GLY A 14 -13.57 -5.18 1.50
N ASP A 15 -14.04 -5.20 2.73
CA ASP A 15 -14.18 -4.01 3.55
C ASP A 15 -12.88 -3.77 4.32
N ILE A 16 -12.67 -2.54 4.70
CA ILE A 16 -11.46 -2.14 5.41
C ILE A 16 -11.81 -2.07 6.90
N THR A 17 -11.31 -3.03 7.68
CA THR A 17 -11.59 -3.07 9.12
C THR A 17 -10.36 -3.58 9.86
N TRP A 18 -10.22 -3.11 11.09
CA TRP A 18 -9.28 -3.69 12.03
C TRP A 18 -9.83 -5.01 12.54
N GLU A 19 -8.97 -6.01 12.68
CA GLU A 19 -9.39 -7.32 13.18
C GLU A 19 -8.83 -7.53 14.58
N LYS A 20 -9.71 -7.84 15.54
CA LYS A 20 -9.26 -8.01 16.92
C LYS A 20 -8.41 -9.26 17.09
N ASP A 21 -8.70 -10.31 16.32
CA ASP A 21 -8.02 -11.60 16.47
C ASP A 21 -6.74 -11.70 15.67
N ALA A 22 -6.19 -10.57 15.22
CA ALA A 22 -5.11 -10.60 14.25
C ALA A 22 -3.84 -11.18 14.85
N GLU A 23 -3.20 -12.06 14.08
CA GLU A 23 -1.82 -12.46 14.29
C GLU A 23 -0.92 -11.24 14.46
N VAL A 24 0.02 -11.32 15.40
CA VAL A 24 1.05 -10.29 15.57
C VAL A 24 2.39 -10.88 15.17
N THR A 25 3.11 -10.21 14.27
CA THR A 25 4.39 -10.71 13.83
C THR A 25 5.25 -9.56 13.32
N GLY A 26 6.51 -9.87 13.02
CA GLY A 26 7.49 -8.93 12.49
C GLY A 26 8.18 -8.15 13.59
N ASN A 27 9.42 -7.76 13.32
CA ASN A 27 10.14 -6.96 14.30
C ASN A 27 9.96 -5.49 13.94
N SER A 28 10.73 -4.62 14.60
CA SER A 28 10.59 -3.17 14.44
C SER A 28 11.96 -2.58 14.14
N PRO A 29 12.49 -2.85 12.96
CA PRO A 29 13.88 -2.43 12.68
C PRO A 29 13.96 -0.93 12.49
N ARG A 30 15.14 -0.40 12.83
CA ARG A 30 15.50 0.98 12.56
C ARG A 30 16.54 0.97 11.46
N LEU A 31 16.21 1.56 10.33
CA LEU A 31 17.07 1.43 9.15
C LEU A 31 17.33 2.81 8.59
N ASP A 32 18.59 3.05 8.24
CA ASP A 32 18.98 4.30 7.59
C ASP A 32 18.80 4.11 6.10
N VAL A 33 17.97 4.95 5.48
CA VAL A 33 17.67 4.78 4.06
C VAL A 33 17.72 6.14 3.38
N ALA A 34 17.86 6.09 2.06
CA ALA A 34 17.73 7.24 1.19
C ALA A 34 16.60 6.96 0.22
N LEU A 35 15.86 8.01 -0.13
CA LEU A 35 14.77 7.93 -1.10
C LEU A 35 15.17 8.77 -2.30
N ASP A 36 15.33 8.13 -3.46
CA ASP A 36 15.78 8.91 -4.60
C ASP A 36 14.58 9.47 -5.35
N GLU A 37 14.84 10.27 -6.38
CA GLU A 37 13.75 10.98 -7.05
C GLU A 37 12.85 10.03 -7.81
N SER A 38 13.30 8.81 -8.07
CA SER A 38 12.52 7.77 -8.73
C SER A 38 11.59 7.04 -7.76
N GLY A 39 11.62 7.40 -6.49
CA GLY A 39 10.79 6.71 -5.51
C GLY A 39 11.35 5.40 -5.02
N ASP A 40 12.65 5.18 -5.16
CA ASP A 40 13.28 3.95 -4.67
C ASP A 40 14.01 4.24 -3.37
N PHE A 41 13.72 3.45 -2.33
CA PHE A 41 14.49 3.46 -1.11
C PHE A 41 15.74 2.60 -1.27
N SER A 42 16.85 3.05 -0.70
CA SER A 42 18.04 2.22 -0.66
C SER A 42 18.64 2.33 0.74
N LEU A 43 19.16 1.22 1.23
CA LEU A 43 19.86 1.22 2.51
C LEU A 43 21.13 2.04 2.42
N VAL A 44 21.40 2.84 3.44
CA VAL A 44 22.61 3.63 3.51
C VAL A 44 23.70 2.79 4.14
N THR B 19 -17.41 1.72 -7.47
CA THR B 19 -16.70 2.77 -6.75
C THR B 19 -17.24 2.83 -5.30
N THR B 20 -17.67 1.70 -4.76
CA THR B 20 -18.02 1.68 -3.35
C THR B 20 -16.75 1.59 -2.51
N ASP B 21 -16.78 2.23 -1.34
CA ASP B 21 -15.63 2.23 -0.44
C ASP B 21 -15.17 0.80 -0.14
N GLY B 22 -13.87 0.59 -0.12
CA GLY B 22 -13.32 -0.69 0.25
C GLY B 22 -11.94 -0.88 -0.34
N VAL B 23 -11.46 -2.12 -0.25
CA VAL B 23 -10.16 -2.48 -0.80
C VAL B 23 -10.38 -3.31 -2.05
N TYR B 24 -9.54 -3.06 -3.07
CA TYR B 24 -9.71 -3.62 -4.40
C TYR B 24 -8.40 -4.24 -4.87
N ARG B 25 -8.51 -5.33 -5.61
CA ARG B 25 -7.37 -5.84 -6.36
C ARG B 25 -7.23 -5.10 -7.68
N VAL B 26 -5.99 -4.88 -8.09
CA VAL B 26 -5.68 -4.31 -9.41
C VAL B 26 -5.16 -5.43 -10.28
N MET B 27 -5.87 -5.71 -11.37
CA MET B 27 -5.61 -6.86 -12.22
C MET B 27 -5.22 -6.39 -13.62
N THR B 28 -4.45 -7.22 -14.31
CA THR B 28 -4.14 -7.02 -15.71
C THR B 28 -4.57 -8.26 -16.48
N ARG B 29 -5.19 -8.07 -17.66
CA ARG B 29 -5.87 -9.19 -18.31
C ARG B 29 -4.95 -10.09 -19.11
N ARG B 30 -3.86 -9.58 -19.67
CA ARG B 30 -2.88 -10.43 -20.36
C ARG B 30 -3.47 -11.28 -21.48
N LEU B 31 -2.88 -12.45 -21.75
CA LEU B 31 -3.30 -13.31 -22.84
C LEU B 31 -4.27 -14.40 -22.38
N LEU B 32 -3.84 -15.22 -21.41
CA LEU B 32 -4.70 -16.24 -20.82
C LEU B 32 -4.87 -15.92 -19.34
N GLY B 33 -6.06 -15.45 -18.97
CA GLY B 33 -6.37 -15.19 -17.58
C GLY B 33 -5.72 -13.92 -17.05
N SER B 34 -6.09 -13.57 -15.83
CA SER B 34 -5.69 -12.31 -15.23
C SER B 34 -4.53 -12.51 -14.25
N THR B 35 -3.80 -11.43 -14.04
CA THR B 35 -2.70 -11.38 -13.09
C THR B 35 -2.92 -10.21 -12.14
N GLN B 36 -2.81 -10.45 -10.83
CA GLN B 36 -2.93 -9.36 -9.87
C GLN B 36 -1.60 -8.63 -9.75
N VAL B 37 -1.59 -7.35 -10.13
CA VAL B 37 -0.36 -6.55 -10.00
C VAL B 37 -0.36 -5.67 -8.77
N GLY B 38 -1.49 -5.47 -8.11
CA GLY B 38 -1.50 -4.65 -6.93
C GLY B 38 -2.86 -4.59 -6.31
N VAL B 39 -3.01 -3.58 -5.44
CA VAL B 39 -4.16 -3.44 -4.54
C VAL B 39 -4.36 -1.94 -4.41
N GLY B 40 -5.60 -1.53 -4.10
CA GLY B 40 -5.80 -0.12 -3.81
C GLY B 40 -7.01 0.08 -2.93
N VAL B 41 -7.23 1.33 -2.55
CA VAL B 41 -8.28 1.71 -1.61
C VAL B 41 -9.21 2.70 -2.30
N MET B 42 -10.50 2.40 -2.28
CA MET B 42 -11.51 3.36 -2.72
C MET B 42 -12.02 4.08 -1.49
N GLN B 43 -11.93 5.40 -1.50
CA GLN B 43 -12.47 6.19 -0.40
C GLN B 43 -12.93 7.53 -0.93
N GLU B 44 -14.14 7.93 -0.54
CA GLU B 44 -14.70 9.23 -0.93
C GLU B 44 -14.64 9.42 -2.45
N GLY B 45 -14.94 8.36 -3.19
CA GLY B 45 -15.00 8.41 -4.63
C GLY B 45 -13.66 8.41 -5.34
N VAL B 46 -12.56 8.24 -4.63
CA VAL B 46 -11.22 8.30 -5.20
C VAL B 46 -10.53 6.96 -4.98
N PHE B 47 -9.86 6.46 -6.03
CA PHE B 47 -9.11 5.22 -5.92
C PHE B 47 -7.63 5.54 -5.69
N HIS B 48 -7.04 4.89 -4.69
CA HIS B 48 -5.70 5.17 -4.22
C HIS B 48 -4.83 3.93 -4.36
N THR B 49 -3.69 4.05 -5.05
CA THR B 49 -2.78 2.92 -5.12
C THR B 49 -1.36 3.43 -5.25
N MET B 50 -0.42 2.50 -5.38
CA MET B 50 0.98 2.88 -5.51
C MET B 50 1.32 3.05 -6.98
N TRP B 51 2.17 4.04 -7.29
CA TRP B 51 2.48 4.33 -8.69
C TRP B 51 3.01 3.11 -9.42
N HIS B 52 3.86 2.31 -8.76
CA HIS B 52 4.47 1.20 -9.50
C HIS B 52 3.47 0.10 -9.85
N VAL B 53 2.28 0.12 -9.26
CA VAL B 53 1.26 -0.87 -9.60
C VAL B 53 0.68 -0.59 -10.98
N THR B 54 0.34 0.67 -11.26
CA THR B 54 -0.31 1.03 -12.51
C THR B 54 0.58 1.80 -13.46
N LYS B 55 1.76 2.25 -13.00
CA LYS B 55 2.62 3.15 -13.77
C LYS B 55 1.87 4.38 -14.22
N GLY B 56 0.85 4.74 -13.45
CA GLY B 56 0.06 5.91 -13.72
C GLY B 56 -0.84 5.81 -14.93
N ALA B 57 -1.24 4.60 -15.33
CA ALA B 57 -2.11 4.37 -16.46
C ALA B 57 -3.57 4.22 -16.02
N ALA B 58 -4.48 4.34 -16.99
CA ALA B 58 -5.90 4.31 -16.68
C ALA B 58 -6.33 2.91 -16.22
N LEU B 59 -7.46 2.87 -15.51
CA LEU B 59 -8.05 1.67 -14.95
C LEU B 59 -9.48 1.49 -15.45
N ARG B 60 -9.89 0.24 -15.67
CA ARG B 60 -11.29 -0.07 -15.90
C ARG B 60 -11.94 -0.44 -14.58
N SER B 61 -13.21 -0.06 -14.44
CA SER B 61 -13.99 -0.44 -13.27
C SER B 61 -15.45 -0.61 -13.69
N GLY B 62 -16.26 -1.11 -12.77
CA GLY B 62 -17.69 -1.23 -13.02
C GLY B 62 -18.37 0.08 -13.31
N GLU B 63 -17.77 1.21 -12.89
CA GLU B 63 -18.29 2.53 -13.19
C GLU B 63 -17.77 3.08 -14.51
N GLY B 64 -16.86 2.37 -15.17
CA GLY B 64 -16.27 2.84 -16.40
C GLY B 64 -14.78 3.08 -16.25
N ARG B 65 -14.23 3.92 -17.10
CA ARG B 65 -12.79 4.17 -17.07
C ARG B 65 -12.44 5.18 -15.97
N LEU B 66 -11.40 4.87 -15.22
CA LEU B 66 -10.87 5.75 -14.19
C LEU B 66 -9.58 6.38 -14.70
N ASP B 67 -9.57 7.68 -14.79
CA ASP B 67 -8.36 8.31 -15.27
C ASP B 67 -7.49 8.77 -14.11
N PRO B 68 -6.17 8.74 -14.27
CA PRO B 68 -5.30 9.27 -13.22
C PRO B 68 -5.57 10.76 -12.99
N TYR B 69 -5.63 11.14 -11.73
CA TYR B 69 -5.91 12.52 -11.35
C TYR B 69 -4.69 13.19 -10.72
N TRP B 70 -4.04 12.49 -9.78
CA TRP B 70 -2.88 13.02 -9.08
C TRP B 70 -1.88 11.89 -8.93
N GLY B 71 -0.61 12.24 -8.84
CA GLY B 71 0.40 11.21 -8.64
C GLY B 71 1.73 11.85 -8.31
N ASP B 72 2.62 11.02 -7.79
CA ASP B 72 3.93 11.52 -7.38
C ASP B 72 4.86 10.32 -7.38
N VAL B 73 5.79 10.28 -8.33
CA VAL B 73 6.64 9.11 -8.47
C VAL B 73 7.54 8.97 -7.25
N LYS B 74 8.01 10.07 -6.69
CA LYS B 74 8.91 9.95 -5.54
C LYS B 74 8.19 9.36 -4.33
N GLN B 75 6.94 9.75 -4.12
CA GLN B 75 6.16 9.12 -3.07
C GLN B 75 5.67 7.73 -3.47
N ASP B 76 5.74 7.40 -4.77
CA ASP B 76 5.24 6.14 -5.32
C ASP B 76 3.73 5.98 -5.10
N LEU B 77 3.00 7.05 -5.39
CA LEU B 77 1.54 7.06 -5.17
C LEU B 77 0.82 7.64 -6.38
N VAL B 78 -0.43 7.24 -6.53
CA VAL B 78 -1.28 7.78 -7.59
C VAL B 78 -2.72 7.69 -7.11
N SER B 79 -3.54 8.68 -7.49
CA SER B 79 -4.95 8.62 -7.20
C SER B 79 -5.76 8.80 -8.48
N TYR B 80 -6.98 8.25 -8.47
CA TYR B 80 -7.86 8.26 -9.62
C TYR B 80 -9.18 8.91 -9.23
N CYS B 81 -9.71 9.74 -10.15
CA CYS B 81 -11.02 10.39 -10.08
C CYS B 81 -11.04 11.62 -9.18
N GLY B 82 -9.98 11.84 -8.42
CA GLY B 82 -9.93 12.96 -7.50
C GLY B 82 -8.62 13.00 -6.74
N PRO B 83 -8.46 14.01 -5.89
CA PRO B 83 -7.20 14.15 -5.15
C PRO B 83 -7.10 13.11 -4.06
N TRP B 84 -5.87 12.89 -3.62
CA TRP B 84 -5.59 11.95 -2.53
C TRP B 84 -6.44 12.29 -1.31
N LYS B 85 -7.20 11.31 -0.81
CA LYS B 85 -8.15 11.53 0.28
C LYS B 85 -7.73 10.94 1.62
N LEU B 86 -6.73 10.07 1.65
CA LEU B 86 -6.34 9.39 2.87
C LEU B 86 -5.42 10.28 3.68
N ASP B 87 -5.89 10.73 4.84
CA ASP B 87 -5.21 11.74 5.63
C ASP B 87 -4.66 11.24 6.97
N ALA B 88 -5.05 10.05 7.40
CA ALA B 88 -4.61 9.56 8.70
C ALA B 88 -3.12 9.20 8.67
N ALA B 89 -2.47 9.35 9.82
CA ALA B 89 -1.04 9.10 9.95
C ALA B 89 -0.79 8.19 11.15
N TRP B 90 0.27 7.40 11.04
CA TRP B 90 0.73 6.62 12.18
C TRP B 90 1.05 7.55 13.35
N ASP B 91 0.68 7.15 14.56
CA ASP B 91 0.95 8.02 15.72
C ASP B 91 2.37 7.86 16.26
N GLY B 92 3.21 7.05 15.62
CA GLY B 92 4.58 6.86 16.02
C GLY B 92 4.77 5.91 17.19
N LEU B 93 3.70 5.36 17.72
CA LEU B 93 3.68 4.63 18.97
C LEU B 93 2.95 3.30 18.88
N SER B 94 1.80 3.26 18.20
CA SER B 94 0.88 2.14 18.32
C SER B 94 1.16 1.05 17.30
N GLU B 95 0.71 -0.16 17.62
CA GLU B 95 0.75 -1.20 16.60
C GLU B 95 -0.25 -0.88 15.50
N VAL B 96 0.01 -1.43 14.31
CA VAL B 96 -0.81 -1.19 13.13
C VAL B 96 -1.18 -2.54 12.54
N GLN B 97 -2.10 -2.54 11.59
CA GLN B 97 -2.43 -3.75 10.85
C GLN B 97 -2.26 -3.54 9.36
N LEU B 98 -1.60 -4.48 8.72
CA LEU B 98 -1.61 -4.58 7.27
C LEU B 98 -2.83 -5.40 6.88
N LEU B 99 -3.71 -4.81 6.07
CA LEU B 99 -4.81 -5.55 5.46
C LEU B 99 -4.25 -6.08 4.14
N ALA B 100 -3.57 -7.22 4.24
CA ALA B 100 -2.89 -7.79 3.08
C ALA B 100 -3.90 -8.43 2.15
N VAL B 101 -3.79 -8.10 0.87
CA VAL B 101 -4.64 -8.72 -0.15
C VAL B 101 -3.69 -9.36 -1.17
N PRO B 102 -3.14 -10.53 -0.86
CA PRO B 102 -2.14 -11.13 -1.77
C PRO B 102 -2.79 -11.77 -2.96
N PRO B 103 -2.06 -11.88 -4.08
CA PRO B 103 -2.63 -12.53 -5.27
C PRO B 103 -3.09 -13.94 -4.94
N GLY B 104 -4.29 -14.28 -5.40
CA GLY B 104 -4.84 -15.61 -5.19
C GLY B 104 -5.19 -15.99 -3.78
N GLU B 105 -5.23 -15.03 -2.85
CA GLU B 105 -5.48 -15.31 -1.45
C GLU B 105 -6.49 -14.33 -0.88
N ARG B 106 -7.27 -14.78 0.10
CA ARG B 106 -8.25 -13.92 0.74
C ARG B 106 -7.59 -12.79 1.50
N ALA B 107 -8.29 -11.66 1.59
CA ALA B 107 -7.78 -10.54 2.37
C ALA B 107 -7.65 -10.95 3.85
N LYS B 108 -6.55 -10.53 4.47
CA LYS B 108 -6.07 -11.02 5.75
C LYS B 108 -5.43 -9.88 6.52
N ASN B 109 -5.75 -9.76 7.81
CA ASN B 109 -5.14 -8.73 8.65
C ASN B 109 -3.94 -9.29 9.41
N ILE B 110 -2.84 -8.53 9.43
CA ILE B 110 -1.64 -8.89 10.16
C ILE B 110 -1.20 -7.70 10.98
N GLN B 111 -0.99 -7.91 12.28
CA GLN B 111 -0.66 -6.85 13.21
C GLN B 111 0.85 -6.81 13.47
N THR B 112 1.38 -5.60 13.65
CA THR B 112 2.81 -5.44 13.83
C THR B 112 3.08 -4.09 14.50
N LEU B 113 4.20 -4.01 15.21
CA LEU B 113 4.70 -2.72 15.67
C LEU B 113 5.70 -2.20 14.63
N PRO B 114 5.42 -1.06 13.99
CA PRO B 114 6.33 -0.57 12.96
C PRO B 114 7.73 -0.28 13.50
N GLY B 115 8.71 -0.50 12.63
CA GLY B 115 10.03 0.09 12.79
C GLY B 115 10.04 1.46 12.14
N ILE B 116 11.24 1.89 11.77
CA ILE B 116 11.45 3.26 11.33
C ILE B 116 12.43 3.24 10.17
N PHE B 117 12.06 3.93 9.07
CA PHE B 117 13.02 4.36 8.05
C PHE B 117 13.55 5.72 8.46
N LYS B 118 14.85 5.81 8.71
CA LYS B 118 15.49 7.07 9.08
C LYS B 118 16.12 7.68 7.84
N THR B 119 15.61 8.82 7.41
CA THR B 119 16.13 9.52 6.23
C THR B 119 16.70 10.87 6.66
N LYS B 120 17.41 11.51 5.74
CA LYS B 120 17.97 12.82 6.05
C LYS B 120 16.88 13.84 6.36
N ASP B 121 15.66 13.61 5.87
CA ASP B 121 14.54 14.54 6.04
C ASP B 121 13.56 14.13 7.12
N GLY B 122 13.82 13.03 7.83
CA GLY B 122 12.95 12.61 8.92
C GLY B 122 12.66 11.13 8.86
N ASP B 123 11.85 10.71 9.83
CA ASP B 123 11.51 9.31 10.01
C ASP B 123 10.21 8.98 9.28
N ILE B 124 10.15 7.75 8.77
CA ILE B 124 8.94 7.17 8.21
C ILE B 124 8.71 5.84 8.93
N GLY B 125 7.48 5.62 9.41
CA GLY B 125 7.15 4.31 9.92
C GLY B 125 7.34 3.25 8.85
N ALA B 126 7.68 2.05 9.28
CA ALA B 126 7.98 0.98 8.32
C ALA B 126 7.59 -0.36 8.92
N VAL B 127 7.07 -1.26 8.09
CA VAL B 127 6.58 -2.54 8.59
C VAL B 127 7.44 -3.67 8.03
N ALA B 128 7.89 -4.55 8.92
CA ALA B 128 8.72 -5.69 8.54
C ALA B 128 7.81 -6.88 8.24
N LEU B 129 7.10 -6.76 7.13
CA LEU B 129 6.17 -7.79 6.68
C LEU B 129 6.45 -8.06 5.22
N ASP B 130 6.54 -9.33 4.85
CA ASP B 130 7.02 -9.72 3.51
C ASP B 130 5.91 -10.49 2.79
N TYR B 131 5.37 -9.90 1.73
CA TYR B 131 4.27 -10.46 0.94
C TYR B 131 4.61 -10.39 -0.54
N PRO B 132 3.90 -11.15 -1.39
CA PRO B 132 4.17 -11.11 -2.83
C PRO B 132 4.06 -9.70 -3.40
N ALA B 133 4.75 -9.50 -4.53
CA ALA B 133 4.79 -8.19 -5.17
C ALA B 133 3.40 -7.63 -5.46
N GLY B 134 2.47 -8.50 -5.88
CA GLY B 134 1.10 -8.06 -6.16
C GLY B 134 0.29 -7.64 -4.96
N THR B 135 0.82 -7.79 -3.75
CA THR B 135 0.21 -7.22 -2.55
C THR B 135 0.41 -5.71 -2.47
N SER B 136 1.27 -5.15 -3.32
CA SER B 136 1.52 -3.71 -3.35
C SER B 136 0.23 -2.91 -3.36
N GLY B 137 0.16 -1.91 -2.49
CA GLY B 137 -1.01 -1.07 -2.40
C GLY B 137 -1.98 -1.48 -1.31
N SER B 138 -1.72 -2.60 -0.64
CA SER B 138 -2.59 -3.02 0.46
C SER B 138 -2.55 -1.98 1.57
N PRO B 139 -3.67 -1.68 2.20
CA PRO B 139 -3.71 -0.59 3.17
C PRO B 139 -3.19 -1.03 4.53
N ILE B 140 -2.56 -0.09 5.22
CA ILE B 140 -2.11 -0.25 6.60
C ILE B 140 -3.04 0.60 7.45
N LEU B 141 -3.52 0.03 8.57
CA LEU B 141 -4.60 0.62 9.34
C LEU B 141 -4.15 0.97 10.75
N ASP B 142 -4.77 2.01 11.32
CA ASP B 142 -4.69 2.22 12.76
C ASP B 142 -5.89 1.52 13.42
N LYS B 143 -5.95 1.58 14.76
CA LYS B 143 -6.99 0.85 15.48
C LYS B 143 -8.39 1.37 15.20
N CYS B 144 -8.53 2.62 14.72
CA CYS B 144 -9.83 3.15 14.31
C CYS B 144 -10.25 2.66 12.94
N GLY B 145 -9.41 1.88 12.25
CA GLY B 145 -9.72 1.45 10.91
C GLY B 145 -9.38 2.44 9.82
N ARG B 146 -8.76 3.56 10.18
CA ARG B 146 -8.35 4.54 9.18
C ARG B 146 -7.10 4.05 8.46
N VAL B 147 -7.03 4.33 7.17
CA VAL B 147 -5.85 3.94 6.39
C VAL B 147 -4.76 4.96 6.64
N ILE B 148 -3.65 4.53 7.24
CA ILE B 148 -2.52 5.42 7.53
C ILE B 148 -1.42 5.32 6.47
N GLY B 149 -1.60 4.48 5.47
CA GLY B 149 -0.62 4.38 4.41
C GLY B 149 -0.87 3.13 3.61
N LEU B 150 -0.12 3.00 2.52
CA LEU B 150 -0.16 1.83 1.65
C LEU B 150 1.15 1.08 1.72
N TYR B 151 1.07 -0.23 1.55
CA TYR B 151 2.21 -1.14 1.68
C TYR B 151 2.88 -1.37 0.33
N GLY B 152 4.22 -1.42 0.33
CA GLY B 152 4.87 -1.97 -0.84
C GLY B 152 5.99 -1.16 -1.45
N ASN B 153 6.40 -0.06 -0.83
CA ASN B 153 7.61 0.62 -1.30
C ASN B 153 8.62 0.47 -0.18
N GLY B 154 9.65 -0.34 -0.42
CA GLY B 154 10.51 -0.67 0.70
C GLY B 154 11.94 -0.99 0.33
N VAL B 155 12.59 -1.80 1.17
CA VAL B 155 13.99 -2.18 0.98
C VAL B 155 14.13 -3.65 1.34
N VAL B 156 15.17 -4.27 0.80
CA VAL B 156 15.53 -5.64 1.16
C VAL B 156 16.75 -5.56 2.05
N ILE B 157 16.65 -6.14 3.25
CA ILE B 157 17.75 -6.04 4.21
C ILE B 157 18.65 -7.24 4.01
N LYS B 158 19.69 -7.37 4.85
CA LYS B 158 20.82 -8.20 4.50
C LYS B 158 20.45 -9.67 4.37
N ASN B 159 19.49 -10.15 5.15
CA ASN B 159 19.13 -11.57 5.09
C ASN B 159 18.09 -11.88 4.00
N GLY B 160 17.75 -10.89 3.17
CA GLY B 160 16.79 -11.07 2.12
C GLY B 160 15.36 -10.77 2.49
N SER B 161 15.06 -10.48 3.75
CA SER B 161 13.69 -10.16 4.09
C SER B 161 13.41 -8.70 3.74
N TYR B 162 12.17 -8.31 3.92
CA TYR B 162 11.65 -7.09 3.31
C TYR B 162 11.07 -6.19 4.40
N VAL B 163 11.26 -4.89 4.22
CA VAL B 163 10.65 -3.90 5.11
C VAL B 163 10.01 -2.84 4.23
N SER B 164 8.73 -2.55 4.45
CA SER B 164 8.00 -1.60 3.64
C SER B 164 7.78 -0.29 4.40
N ALA B 165 7.95 0.84 3.71
CA ALA B 165 7.52 2.08 4.33
C ALA B 165 6.01 2.04 4.52
N ILE B 166 5.53 2.80 5.50
CA ILE B 166 4.10 3.11 5.58
C ILE B 166 3.93 4.38 4.75
N THR B 167 3.50 4.23 3.50
CA THR B 167 3.51 5.34 2.55
C THR B 167 2.15 6.04 2.54
N GLN B 168 2.13 7.30 2.94
CA GLN B 168 0.91 8.07 2.97
C GLN B 168 1.08 9.33 2.13
N GLY B 169 0.02 9.72 1.44
CA GLY B 169 0.08 10.91 0.59
C GLY B 169 0.31 12.16 1.41
N LYS B 170 1.32 12.93 1.05
CA LYS B 170 1.77 14.05 1.89
C LYS B 170 0.78 15.21 1.91
#